data_1QGO
#
_entry.id   1QGO
#
_cell.length_a   128.097
_cell.length_b   128.097
_cell.length_c   84.765
_cell.angle_alpha   90.00
_cell.angle_beta   90.00
_cell.angle_gamma   120.00
#
_symmetry.space_group_name_H-M   'P 63 2 2'
#
loop_
_entity.id
_entity.type
_entity.pdbx_description
1 polymer 'ANAEROBIC COBALAMIN BIOSYNTHETIC COBALT CHELATASE'
2 non-polymer 'SULFATE ION'
3 water water
#
_entity_poly.entity_id   1
_entity_poly.type   'polypeptide(L)'
_entity_poly.pdbx_seq_one_letter_code
;MKKALLVVSFGTSYHDTCEKNIVACERDLAASCPDRDLFRAFTSGMIIRKLRQRDGIDIDTPLQALQKLAAQGYQDVAIQ
SLHIINGDEYEKIVREVQLLRPLFTRLTLGVPLLSSHNDYVQLMQALRQQMPSLRQTEKVVFMGHGASHHAFAAYACLDH
MMTAQRFPARVGAVESYPEVDILIDSLRDEGVTGVHLMPLMLVAGDHAINDMASDDGDSWKMRFNAAGIPATPWLSGLGE
NPAIRAMFVAHLHQALNMAVEEAA
;
_entity_poly.pdbx_strand_id   A
#
loop_
_chem_comp.id
_chem_comp.type
_chem_comp.name
_chem_comp.formula
SO4 non-polymer 'SULFATE ION' 'O4 S -2'
#
# COMPACT_ATOMS: atom_id res chain seq x y z
N LYS A 2 7.45 26.39 -13.44
CA LYS A 2 6.51 26.12 -12.30
C LYS A 2 6.04 24.68 -12.37
N LYS A 3 6.67 23.83 -11.53
CA LYS A 3 6.38 22.39 -11.61
C LYS A 3 5.79 21.85 -10.33
N ALA A 4 4.89 20.88 -10.47
CA ALA A 4 4.29 20.32 -9.26
C ALA A 4 4.49 18.81 -9.18
N LEU A 5 4.40 18.34 -7.95
CA LEU A 5 4.43 16.94 -7.59
C LEU A 5 3.09 16.68 -6.84
N LEU A 6 2.31 15.76 -7.38
CA LEU A 6 1.00 15.42 -6.82
C LEU A 6 1.10 13.97 -6.34
N VAL A 7 0.91 13.77 -5.04
CA VAL A 7 0.99 12.42 -4.52
C VAL A 7 -0.44 12.00 -4.16
N VAL A 8 -0.87 10.94 -4.83
CA VAL A 8 -2.20 10.39 -4.70
C VAL A 8 -2.28 9.10 -3.89
N SER A 9 -3.12 9.11 -2.86
CA SER A 9 -3.36 7.92 -2.07
C SER A 9 -4.85 7.57 -2.08
N PHE A 10 -5.12 6.37 -1.53
CA PHE A 10 -6.51 6.00 -1.25
C PHE A 10 -6.99 6.97 -0.17
N GLY A 11 -6.27 6.92 0.96
CA GLY A 11 -6.51 7.79 2.10
C GLY A 11 -6.75 7.08 3.42
N THR A 12 -6.71 7.81 4.51
CA THR A 12 -7.02 7.27 5.82
C THR A 12 -7.46 8.43 6.72
N SER A 13 -8.31 8.16 7.69
CA SER A 13 -8.79 9.25 8.56
C SER A 13 -8.07 9.11 9.90
N TYR A 14 -7.16 8.15 9.98
CA TYR A 14 -6.35 7.93 11.16
C TYR A 14 -5.07 8.74 11.03
N HIS A 15 -4.95 9.86 11.71
CA HIS A 15 -3.79 10.72 11.61
C HIS A 15 -2.43 10.07 11.84
N ASP A 16 -2.28 9.30 12.89
CA ASP A 16 -0.98 8.71 13.22
C ASP A 16 -0.48 7.77 12.13
N THR A 17 -1.27 6.81 11.64
CA THR A 17 -0.80 5.95 10.58
C THR A 17 -0.64 6.74 9.28
N CYS A 18 -1.43 7.78 9.05
CA CYS A 18 -1.27 8.66 7.90
C CYS A 18 0.10 9.32 7.92
N GLU A 19 0.44 9.91 9.07
CA GLU A 19 1.70 10.59 9.24
C GLU A 19 2.84 9.61 9.01
N LYS A 20 2.70 8.40 9.57
CA LYS A 20 3.76 7.41 9.42
C LYS A 20 3.91 6.77 8.06
N ASN A 21 2.87 6.76 7.23
CA ASN A 21 3.02 6.09 5.93
C ASN A 21 2.82 7.07 4.77
N ILE A 22 1.63 7.65 4.72
CA ILE A 22 1.35 8.58 3.64
C ILE A 22 2.33 9.74 3.61
N VAL A 23 2.40 10.51 4.68
CA VAL A 23 3.29 11.65 4.80
C VAL A 23 4.74 11.24 4.58
N ALA A 24 5.14 10.12 5.18
CA ALA A 24 6.53 9.65 4.96
C ALA A 24 6.79 9.38 3.48
N CYS A 25 5.83 8.81 2.75
CA CYS A 25 6.03 8.56 1.33
C CYS A 25 6.05 9.92 0.61
N GLU A 26 5.11 10.78 1.00
CA GLU A 26 4.97 12.11 0.44
C GLU A 26 6.29 12.88 0.57
N ARG A 27 6.90 12.87 1.74
CA ARG A 27 8.16 13.53 2.02
C ARG A 27 9.30 13.02 1.17
N ASP A 28 9.48 11.68 1.10
CA ASP A 28 10.55 11.14 0.28
C ASP A 28 10.32 11.50 -1.19
N LEU A 29 9.08 11.36 -1.67
CA LEU A 29 8.79 11.73 -3.05
C LEU A 29 9.10 13.21 -3.28
N ALA A 30 8.62 14.11 -2.43
CA ALA A 30 8.86 15.53 -2.58
C ALA A 30 10.37 15.81 -2.63
N ALA A 31 11.09 15.16 -1.71
CA ALA A 31 12.52 15.36 -1.56
C ALA A 31 13.31 14.90 -2.75
N SER A 32 12.83 13.95 -3.56
CA SER A 32 13.52 13.49 -4.74
C SER A 32 13.20 14.40 -5.93
N CYS A 33 12.39 15.42 -5.72
CA CYS A 33 11.98 16.39 -6.73
C CYS A 33 12.13 17.80 -6.17
N PRO A 34 13.38 18.24 -5.97
CA PRO A 34 13.68 19.52 -5.36
C PRO A 34 13.17 20.71 -6.12
N ASP A 35 12.78 20.60 -7.39
CA ASP A 35 12.22 21.71 -8.14
C ASP A 35 10.70 21.64 -8.23
N ARG A 36 10.00 20.83 -7.45
CA ARG A 36 8.56 20.74 -7.53
C ARG A 36 7.90 21.09 -6.19
N ASP A 37 6.69 21.64 -6.29
CA ASP A 37 5.88 21.88 -5.11
C ASP A 37 5.07 20.59 -4.89
N LEU A 38 4.96 20.19 -3.64
CA LEU A 38 4.30 18.99 -3.24
C LEU A 38 2.82 19.23 -2.95
N PHE A 39 1.95 18.39 -3.55
CA PHE A 39 0.52 18.51 -3.35
C PHE A 39 -0.01 17.11 -3.05
N ARG A 40 -1.17 17.04 -2.42
CA ARG A 40 -1.78 15.77 -2.07
C ARG A 40 -3.18 15.66 -2.67
N ALA A 41 -3.56 14.43 -2.93
CA ALA A 41 -4.93 14.09 -3.30
C ALA A 41 -5.29 12.71 -2.73
N PHE A 42 -6.49 12.64 -2.17
CA PHE A 42 -7.01 11.35 -1.77
C PHE A 42 -8.05 10.91 -2.81
N THR A 43 -8.29 9.61 -2.78
CA THR A 43 -9.25 9.08 -3.75
C THR A 43 -10.57 8.68 -3.12
N SER A 44 -10.52 8.25 -1.85
CA SER A 44 -11.73 7.74 -1.20
C SER A 44 -12.63 8.85 -0.69
N GLY A 45 -13.80 8.99 -1.32
CA GLY A 45 -14.78 10.00 -0.94
C GLY A 45 -15.16 9.94 0.54
N MET A 46 -15.37 8.72 1.04
CA MET A 46 -15.70 8.51 2.43
C MET A 46 -14.63 9.10 3.36
N ILE A 47 -13.35 8.91 3.07
CA ILE A 47 -12.29 9.44 3.90
C ILE A 47 -12.26 10.97 3.83
N ILE A 48 -12.42 11.51 2.63
CA ILE A 48 -12.42 12.92 2.39
C ILE A 48 -13.52 13.60 3.19
N ARG A 49 -14.71 12.97 3.18
CA ARG A 49 -15.85 13.55 3.89
C ARG A 49 -15.66 13.50 5.39
N LYS A 50 -15.12 12.41 5.90
CA LYS A 50 -14.89 12.25 7.32
C LYS A 50 -13.88 13.26 7.84
N LEU A 51 -12.75 13.41 7.15
CA LEU A 51 -11.75 14.39 7.59
C LEU A 51 -12.32 15.81 7.54
N ARG A 52 -13.20 16.06 6.56
CA ARG A 52 -13.82 17.37 6.46
C ARG A 52 -14.78 17.63 7.62
N GLN A 53 -15.68 16.68 7.91
CA GLN A 53 -16.63 16.91 8.98
C GLN A 53 -15.97 16.94 10.36
N ARG A 54 -15.09 16.00 10.66
CA ARG A 54 -14.47 15.93 11.97
C ARG A 54 -13.33 16.89 12.24
N ASP A 55 -12.42 17.06 11.28
CA ASP A 55 -11.26 17.92 11.48
C ASP A 55 -11.27 19.27 10.79
N GLY A 56 -12.19 19.50 9.86
CA GLY A 56 -12.20 20.72 9.06
C GLY A 56 -11.19 20.64 7.93
N ILE A 57 -10.54 19.50 7.72
CA ILE A 57 -9.53 19.30 6.71
C ILE A 57 -10.19 19.09 5.35
N ASP A 58 -9.74 19.82 4.35
CA ASP A 58 -10.21 19.73 2.99
C ASP A 58 -9.19 19.01 2.10
N ILE A 59 -9.45 17.75 1.77
CA ILE A 59 -8.57 16.98 0.92
C ILE A 59 -9.14 16.88 -0.48
N ASP A 60 -8.34 17.34 -1.45
CA ASP A 60 -8.77 17.27 -2.84
C ASP A 60 -8.76 15.86 -3.43
N THR A 61 -9.67 15.63 -4.38
CA THR A 61 -9.61 14.42 -5.17
C THR A 61 -8.55 14.75 -6.24
N PRO A 62 -8.15 13.72 -6.98
CA PRO A 62 -7.21 13.90 -8.07
C PRO A 62 -7.74 14.89 -9.09
N LEU A 63 -9.03 14.83 -9.45
CA LEU A 63 -9.59 15.84 -10.34
C LEU A 63 -9.52 17.23 -9.70
N GLN A 64 -9.89 17.38 -8.42
CA GLN A 64 -9.83 18.74 -7.88
C GLN A 64 -8.39 19.23 -7.77
N ALA A 65 -7.47 18.31 -7.46
CA ALA A 65 -6.08 18.73 -7.30
C ALA A 65 -5.50 19.26 -8.61
N LEU A 66 -5.72 18.57 -9.72
CA LEU A 66 -5.17 19.00 -11.00
C LEU A 66 -5.83 20.27 -11.51
N GLN A 67 -7.14 20.45 -11.34
CA GLN A 67 -7.83 21.69 -11.70
C GLN A 67 -7.26 22.85 -10.90
N LYS A 68 -7.00 22.68 -9.61
CA LYS A 68 -6.41 23.73 -8.81
C LYS A 68 -4.96 23.97 -9.22
N LEU A 69 -4.25 22.92 -9.63
CA LEU A 69 -2.89 23.12 -10.10
C LEU A 69 -2.84 23.91 -11.41
N ALA A 70 -3.80 23.63 -12.31
CA ALA A 70 -3.87 24.41 -13.56
C ALA A 70 -4.25 25.86 -13.25
N ALA A 71 -5.15 26.06 -12.27
CA ALA A 71 -5.52 27.42 -11.91
C ALA A 71 -4.34 28.11 -11.24
N GLN A 72 -3.42 27.36 -10.62
CA GLN A 72 -2.29 28.07 -10.05
C GLN A 72 -1.16 28.26 -11.04
N GLY A 73 -1.30 27.95 -12.32
CA GLY A 73 -0.24 28.14 -13.27
C GLY A 73 0.80 27.03 -13.29
N TYR A 74 0.60 25.86 -12.68
CA TYR A 74 1.58 24.78 -12.84
C TYR A 74 1.41 24.16 -14.22
N GLN A 75 2.46 24.17 -15.04
CA GLN A 75 2.35 23.59 -16.38
C GLN A 75 2.82 22.15 -16.52
N ASP A 76 3.63 21.72 -15.57
CA ASP A 76 4.19 20.37 -15.55
C ASP A 76 3.93 19.75 -14.18
N VAL A 77 3.12 18.70 -14.16
CA VAL A 77 2.79 17.99 -12.93
C VAL A 77 3.16 16.50 -13.05
N ALA A 78 3.88 16.05 -12.05
CA ALA A 78 4.29 14.66 -11.94
C ALA A 78 3.44 14.06 -10.82
N ILE A 79 2.88 12.89 -11.10
CA ILE A 79 1.98 12.24 -10.16
C ILE A 79 2.43 10.86 -9.77
N GLN A 80 2.41 10.52 -8.50
CA GLN A 80 2.73 9.16 -8.10
C GLN A 80 1.54 8.65 -7.27
N SER A 81 1.04 7.46 -7.59
CA SER A 81 -0.04 6.99 -6.71
C SER A 81 0.58 6.03 -5.70
N LEU A 82 0.12 6.12 -4.46
CA LEU A 82 0.62 5.23 -3.43
C LEU A 82 -0.22 3.96 -3.27
N HIS A 83 -0.35 3.21 -4.35
CA HIS A 83 -1.11 1.97 -4.32
C HIS A 83 -0.18 0.76 -4.36
N ILE A 84 -0.67 -0.33 -3.77
CA ILE A 84 0.11 -1.57 -3.90
C ILE A 84 -0.22 -2.22 -5.22
N ILE A 85 -1.51 -2.36 -5.49
CA ILE A 85 -2.08 -2.98 -6.66
C ILE A 85 -2.24 -2.10 -7.87
N ASN A 86 -1.80 -2.59 -9.02
CA ASN A 86 -2.03 -1.85 -10.28
C ASN A 86 -3.36 -2.39 -10.79
N GLY A 87 -4.47 -1.82 -10.30
CA GLY A 87 -5.77 -2.31 -10.73
C GLY A 87 -6.81 -1.25 -11.01
N ASP A 88 -7.98 -1.47 -10.41
CA ASP A 88 -9.08 -0.57 -10.64
C ASP A 88 -8.85 0.80 -10.04
N GLU A 89 -8.38 0.94 -8.80
CA GLU A 89 -8.21 2.30 -8.29
C GLU A 89 -7.28 3.05 -9.24
N TYR A 90 -6.14 2.42 -9.56
CA TYR A 90 -5.10 3.04 -10.35
C TYR A 90 -5.59 3.40 -11.76
N GLU A 91 -6.39 2.53 -12.37
CA GLU A 91 -6.92 2.84 -13.71
C GLU A 91 -7.85 4.05 -13.70
N LYS A 92 -8.58 4.24 -12.60
CA LYS A 92 -9.41 5.43 -12.45
C LYS A 92 -8.54 6.69 -12.49
N ILE A 93 -7.39 6.71 -11.86
CA ILE A 93 -6.47 7.84 -11.88
C ILE A 93 -5.85 8.00 -13.25
N VAL A 94 -5.58 6.88 -13.91
CA VAL A 94 -5.09 6.88 -15.28
C VAL A 94 -6.07 7.64 -16.17
N ARG A 95 -7.37 7.36 -16.07
CA ARG A 95 -8.37 8.05 -16.87
C ARG A 95 -8.41 9.55 -16.56
N GLU A 96 -8.55 9.87 -15.26
CA GLU A 96 -8.64 11.27 -14.86
C GLU A 96 -7.43 12.06 -15.31
N VAL A 97 -6.23 11.47 -15.22
CA VAL A 97 -5.06 12.18 -15.71
C VAL A 97 -5.17 12.42 -17.21
N GLN A 98 -5.56 11.40 -17.98
CA GLN A 98 -5.70 11.56 -19.41
C GLN A 98 -6.71 12.64 -19.80
N LEU A 99 -7.80 12.74 -19.08
CA LEU A 99 -8.84 13.72 -19.30
C LEU A 99 -8.31 15.15 -19.14
N LEU A 100 -7.53 15.40 -18.09
CA LEU A 100 -7.07 16.74 -17.78
C LEU A 100 -5.73 17.14 -18.34
N ARG A 101 -5.17 16.28 -19.16
CA ARG A 101 -3.92 16.44 -19.86
C ARG A 101 -3.84 17.71 -20.69
N PRO A 102 -4.88 18.08 -21.42
CA PRO A 102 -4.96 19.29 -22.19
C PRO A 102 -4.81 20.59 -21.42
N LEU A 103 -4.94 20.56 -20.08
CA LEU A 103 -4.76 21.76 -19.28
C LEU A 103 -3.28 22.03 -19.01
N PHE A 104 -2.42 21.07 -19.35
CA PHE A 104 -1.02 21.15 -19.00
C PHE A 104 -0.06 20.94 -20.15
N THR A 105 1.19 21.35 -19.91
CA THR A 105 2.22 21.12 -20.93
C THR A 105 2.64 19.66 -20.80
N ARG A 106 2.82 19.21 -19.55
CA ARG A 106 3.22 17.85 -19.29
C ARG A 106 2.61 17.30 -17.99
N LEU A 107 2.06 16.11 -18.16
CA LEU A 107 1.44 15.41 -17.04
C LEU A 107 2.09 14.04 -17.03
N THR A 108 2.70 13.62 -15.92
CA THR A 108 3.31 12.28 -15.97
C THR A 108 2.78 11.51 -14.77
N LEU A 109 2.57 10.22 -14.93
CA LEU A 109 2.01 9.46 -13.79
C LEU A 109 2.76 8.20 -13.48
N GLY A 110 3.32 7.96 -12.33
CA GLY A 110 4.02 6.72 -12.02
C GLY A 110 3.05 5.57 -11.72
N VAL A 111 3.52 4.35 -11.53
CA VAL A 111 2.59 3.22 -11.37
C VAL A 111 2.68 2.61 -9.98
N PRO A 112 1.59 1.96 -9.56
CA PRO A 112 1.56 1.29 -8.26
C PRO A 112 2.73 0.33 -8.08
N LEU A 113 2.90 -0.11 -6.85
CA LEU A 113 3.95 -1.01 -6.40
C LEU A 113 4.14 -2.25 -7.26
N LEU A 114 3.07 -3.03 -7.45
CA LEU A 114 3.19 -4.26 -8.23
C LEU A 114 2.78 -4.15 -9.68
N SER A 115 3.72 -3.71 -10.55
CA SER A 115 3.43 -3.47 -11.94
C SER A 115 4.36 -4.14 -12.93
N SER A 116 5.20 -5.08 -12.50
CA SER A 116 6.08 -5.84 -13.36
C SER A 116 6.71 -6.96 -12.55
N HIS A 117 7.36 -7.86 -13.28
CA HIS A 117 8.06 -8.95 -12.60
C HIS A 117 9.08 -8.35 -11.63
N ASN A 118 9.97 -7.47 -12.05
CA ASN A 118 10.93 -6.83 -11.16
C ASN A 118 10.27 -6.15 -9.97
N ASP A 119 9.08 -5.56 -10.04
CA ASP A 119 8.51 -5.00 -8.81
C ASP A 119 8.25 -6.10 -7.77
N TYR A 120 7.80 -7.28 -8.22
CA TYR A 120 7.54 -8.35 -7.26
C TYR A 120 8.85 -8.76 -6.59
N VAL A 121 9.90 -8.89 -7.37
CA VAL A 121 11.22 -9.23 -6.84
C VAL A 121 11.65 -8.21 -5.81
N GLN A 122 11.60 -6.93 -6.18
CA GLN A 122 12.00 -5.85 -5.28
C GLN A 122 11.11 -5.77 -4.05
N LEU A 123 9.80 -5.93 -4.23
CA LEU A 123 8.91 -5.86 -3.07
C LEU A 123 9.24 -6.94 -2.05
N MET A 124 9.57 -8.15 -2.49
CA MET A 124 9.92 -9.23 -1.59
C MET A 124 11.25 -8.92 -0.92
N GLN A 125 12.19 -8.24 -1.57
CA GLN A 125 13.42 -7.84 -0.88
C GLN A 125 13.05 -6.82 0.20
N ALA A 126 12.20 -5.86 -0.13
CA ALA A 126 11.78 -4.87 0.84
C ALA A 126 11.09 -5.53 2.02
N LEU A 127 10.14 -6.44 1.78
CA LEU A 127 9.45 -7.07 2.89
C LEU A 127 10.41 -7.81 3.80
N ARG A 128 11.44 -8.44 3.22
CA ARG A 128 12.44 -9.09 4.04
C ARG A 128 13.06 -8.13 5.04
N GLN A 129 13.19 -6.82 4.78
CA GLN A 129 13.71 -5.88 5.73
C GLN A 129 12.88 -5.58 6.97
N GLN A 130 11.58 -5.80 7.00
CA GLN A 130 10.78 -5.53 8.18
C GLN A 130 10.45 -6.80 8.93
N MET A 131 10.90 -7.95 8.40
CA MET A 131 10.62 -9.22 9.07
C MET A 131 11.56 -9.40 10.26
N PRO A 132 11.04 -9.84 11.39
CA PRO A 132 11.84 -10.09 12.57
C PRO A 132 12.58 -11.41 12.39
N SER A 133 13.63 -11.54 13.18
CA SER A 133 14.43 -12.75 13.26
C SER A 133 13.48 -13.92 13.49
N LEU A 134 13.65 -14.97 12.69
CA LEU A 134 12.72 -16.10 12.84
C LEU A 134 13.40 -17.39 13.27
N ARG A 135 12.65 -18.14 14.06
CA ARG A 135 13.04 -19.53 14.32
C ARG A 135 12.65 -20.25 13.04
N GLN A 136 13.25 -21.38 12.72
CA GLN A 136 12.89 -22.06 11.49
C GLN A 136 11.47 -22.60 11.46
N THR A 137 10.75 -22.70 12.56
CA THR A 137 9.38 -23.15 12.56
C THR A 137 8.47 -21.92 12.64
N GLU A 138 9.13 -20.76 12.43
CA GLU A 138 8.32 -19.54 12.49
C GLU A 138 8.19 -18.94 11.10
N LYS A 139 7.09 -18.23 10.90
CA LYS A 139 6.89 -17.55 9.62
C LYS A 139 6.18 -16.24 9.86
N VAL A 140 6.39 -15.31 8.93
CA VAL A 140 5.65 -14.07 8.94
C VAL A 140 4.44 -14.23 8.03
N VAL A 141 3.29 -13.69 8.42
CA VAL A 141 2.09 -13.81 7.60
C VAL A 141 1.63 -12.41 7.19
N PHE A 142 1.62 -12.13 5.88
CA PHE A 142 1.18 -10.78 5.47
C PHE A 142 -0.30 -10.76 5.13
N MET A 143 -0.98 -9.69 5.51
CA MET A 143 -2.39 -9.49 5.25
C MET A 143 -2.61 -8.38 4.21
N GLY A 144 -3.00 -8.84 3.02
CA GLY A 144 -3.35 -7.95 1.95
C GLY A 144 -4.86 -7.65 2.07
N HIS A 145 -5.24 -6.66 1.30
CA HIS A 145 -6.57 -6.15 1.16
C HIS A 145 -6.93 -5.91 -0.30
N GLY A 146 -8.15 -6.31 -0.61
CA GLY A 146 -8.74 -6.11 -1.94
C GLY A 146 -9.27 -7.43 -2.47
N ALA A 147 -10.51 -7.43 -2.96
CA ALA A 147 -11.03 -8.66 -3.59
C ALA A 147 -11.06 -8.56 -5.10
N SER A 148 -10.66 -7.45 -5.72
CA SER A 148 -10.70 -7.46 -7.19
C SER A 148 -9.74 -8.55 -7.69
N HIS A 149 -9.84 -8.86 -8.98
CA HIS A 149 -9.04 -9.89 -9.59
C HIS A 149 -7.58 -9.41 -9.74
N HIS A 150 -7.35 -8.11 -9.89
CA HIS A 150 -6.01 -7.56 -9.85
C HIS A 150 -5.35 -7.77 -8.49
N ALA A 151 -6.14 -7.58 -7.44
CA ALA A 151 -5.57 -7.65 -6.10
C ALA A 151 -5.31 -9.07 -5.63
N PHE A 152 -6.30 -9.96 -5.79
CA PHE A 152 -6.05 -11.31 -5.27
C PHE A 152 -5.05 -12.06 -6.11
N ALA A 153 -4.95 -11.79 -7.41
CA ALA A 153 -3.96 -12.54 -8.21
C ALA A 153 -2.57 -12.11 -7.79
N ALA A 154 -2.43 -10.81 -7.50
CA ALA A 154 -1.20 -10.24 -6.99
C ALA A 154 -0.81 -10.87 -5.66
N TYR A 155 -1.77 -11.04 -4.76
CA TYR A 155 -1.46 -11.67 -3.46
C TYR A 155 -1.05 -13.13 -3.68
N ALA A 156 -1.82 -13.85 -4.51
CA ALA A 156 -1.52 -15.24 -4.80
C ALA A 156 -0.12 -15.39 -5.40
N CYS A 157 0.17 -14.54 -6.38
CA CYS A 157 1.46 -14.55 -7.05
C CYS A 157 2.61 -14.39 -6.08
N LEU A 158 2.49 -13.41 -5.19
CA LEU A 158 3.47 -13.14 -4.16
C LEU A 158 3.60 -14.38 -3.28
N ASP A 159 2.50 -15.00 -2.86
CA ASP A 159 2.53 -16.22 -2.08
C ASP A 159 3.24 -17.30 -2.90
N HIS A 160 2.94 -17.42 -4.18
CA HIS A 160 3.52 -18.37 -5.09
C HIS A 160 5.03 -18.21 -5.21
N MET A 161 5.48 -16.98 -5.28
CA MET A 161 6.92 -16.70 -5.32
C MET A 161 7.61 -16.98 -3.98
N MET A 162 6.99 -16.62 -2.86
CA MET A 162 7.63 -16.81 -1.57
C MET A 162 7.86 -18.30 -1.32
N THR A 163 6.79 -19.05 -1.46
CA THR A 163 6.78 -20.50 -1.31
C THR A 163 7.81 -21.16 -2.20
N ALA A 164 7.82 -20.83 -3.48
CA ALA A 164 8.81 -21.43 -4.38
C ALA A 164 10.24 -21.17 -3.94
N GLN A 165 10.50 -19.90 -3.59
CA GLN A 165 11.83 -19.48 -3.18
C GLN A 165 12.15 -19.72 -1.72
N ARG A 166 11.19 -20.22 -0.95
CA ARG A 166 11.36 -20.50 0.46
C ARG A 166 11.58 -19.26 1.30
N PHE A 167 10.94 -18.17 0.92
CA PHE A 167 10.97 -16.93 1.70
C PHE A 167 10.18 -17.31 2.94
N PRO A 168 10.61 -16.99 4.14
CA PRO A 168 9.90 -17.35 5.37
C PRO A 168 8.67 -16.51 5.68
N ALA A 169 7.81 -16.36 4.66
CA ALA A 169 6.58 -15.61 4.84
C ALA A 169 5.52 -16.17 3.92
N ARG A 170 4.28 -15.89 4.23
CA ARG A 170 3.09 -16.28 3.50
C ARG A 170 2.20 -15.05 3.34
N VAL A 171 1.41 -14.97 2.30
CA VAL A 171 0.53 -13.87 2.02
C VAL A 171 -0.91 -14.38 1.92
N GLY A 172 -1.76 -13.71 2.68
CA GLY A 172 -3.18 -13.98 2.65
C GLY A 172 -3.86 -12.63 2.36
N ALA A 173 -5.16 -12.66 2.10
CA ALA A 173 -5.91 -11.42 1.89
C ALA A 173 -7.22 -11.49 2.68
N VAL A 174 -7.41 -10.48 3.51
CA VAL A 174 -8.62 -10.39 4.32
C VAL A 174 -9.84 -10.44 3.43
N GLU A 175 -10.71 -11.40 3.70
CA GLU A 175 -11.94 -11.65 2.96
C GLU A 175 -11.78 -11.68 1.45
N SER A 176 -10.71 -12.34 1.01
CA SER A 176 -10.29 -12.44 -0.37
C SER A 176 -9.46 -13.70 -0.54
N TYR A 177 -8.45 -13.71 -1.38
CA TYR A 177 -7.65 -14.89 -1.62
C TYR A 177 -6.19 -14.47 -1.76
N PRO A 178 -5.23 -15.27 -1.33
CA PRO A 178 -5.46 -16.52 -0.66
C PRO A 178 -6.21 -16.37 0.64
N GLU A 179 -6.84 -17.44 1.07
CA GLU A 179 -7.67 -17.48 2.27
C GLU A 179 -6.82 -17.82 3.49
N VAL A 180 -7.05 -17.11 4.57
CA VAL A 180 -6.26 -17.35 5.79
C VAL A 180 -6.57 -18.66 6.46
N ASP A 181 -7.79 -19.19 6.37
CA ASP A 181 -8.10 -20.51 6.93
C ASP A 181 -7.33 -21.61 6.24
N ILE A 182 -7.17 -21.48 4.92
CA ILE A 182 -6.37 -22.47 4.19
C ILE A 182 -4.93 -22.35 4.67
N LEU A 183 -4.43 -21.13 4.72
CA LEU A 183 -3.09 -20.84 5.19
C LEU A 183 -2.81 -21.38 6.60
N ILE A 184 -3.75 -21.17 7.53
CA ILE A 184 -3.62 -21.64 8.90
C ILE A 184 -3.48 -23.16 8.89
N ASP A 185 -4.40 -23.86 8.25
CA ASP A 185 -4.32 -25.30 8.10
C ASP A 185 -2.95 -25.74 7.60
N SER A 186 -2.54 -25.13 6.49
CA SER A 186 -1.27 -25.38 5.87
C SER A 186 -0.06 -25.16 6.77
N LEU A 187 -0.11 -24.08 7.56
CA LEU A 187 1.04 -23.78 8.43
C LEU A 187 1.09 -24.74 9.61
N ARG A 188 -0.09 -25.13 10.05
CA ARG A 188 -0.26 -26.11 11.11
C ARG A 188 0.27 -27.46 10.66
N ASP A 189 -0.07 -27.93 9.47
CA ASP A 189 0.41 -29.20 8.96
C ASP A 189 1.91 -29.20 8.70
N GLU A 190 2.53 -28.04 8.58
CA GLU A 190 3.96 -27.96 8.30
C GLU A 190 4.79 -27.94 9.58
N GLY A 191 4.13 -27.71 10.71
CA GLY A 191 4.79 -27.64 11.99
C GLY A 191 5.11 -26.21 12.40
N VAL A 192 4.42 -25.22 11.83
CA VAL A 192 4.70 -23.83 12.21
C VAL A 192 4.34 -23.61 13.68
N THR A 193 5.31 -23.10 14.41
CA THR A 193 5.27 -22.79 15.83
C THR A 193 4.69 -21.46 16.25
N GLY A 194 4.86 -20.44 15.43
CA GLY A 194 4.39 -19.11 15.73
C GLY A 194 4.53 -18.29 14.46
N VAL A 195 3.72 -17.24 14.40
CA VAL A 195 3.67 -16.29 13.31
C VAL A 195 3.69 -14.82 13.77
N HIS A 196 4.24 -13.99 12.88
CA HIS A 196 4.28 -12.53 12.98
C HIS A 196 3.29 -12.00 11.96
N LEU A 197 2.24 -11.33 12.40
CA LEU A 197 1.25 -10.82 11.47
C LEU A 197 1.63 -9.39 11.09
N MET A 198 1.76 -9.08 9.81
CA MET A 198 2.11 -7.74 9.37
C MET A 198 1.19 -7.36 8.22
N PRO A 199 0.71 -6.14 8.18
CA PRO A 199 -0.18 -5.74 7.11
C PRO A 199 0.54 -5.61 5.77
N LEU A 200 -0.03 -6.15 4.68
CA LEU A 200 0.57 -5.90 3.37
C LEU A 200 -0.22 -4.73 2.77
N MET A 201 -0.27 -3.62 3.51
CA MET A 201 -1.03 -2.43 3.19
C MET A 201 -0.19 -1.19 3.41
N LEU A 202 -0.46 -0.14 2.68
CA LEU A 202 0.21 1.13 2.82
C LEU A 202 0.09 1.64 4.25
N VAL A 203 -1.13 1.76 4.77
CA VAL A 203 -1.36 2.20 6.13
C VAL A 203 -2.00 1.09 6.96
N ALA A 204 -1.98 1.22 8.28
CA ALA A 204 -2.62 0.27 9.18
C ALA A 204 -3.99 0.82 9.57
N GLY A 205 -5.04 0.54 8.84
CA GLY A 205 -6.39 0.99 9.14
C GLY A 205 -7.15 -0.11 9.85
N ASP A 206 -8.47 -0.02 9.82
CA ASP A 206 -9.34 -0.97 10.49
C ASP A 206 -9.11 -2.42 10.13
N HIS A 207 -8.75 -2.67 8.85
CA HIS A 207 -8.45 -4.05 8.49
C HIS A 207 -7.30 -4.59 9.36
N ALA A 208 -6.26 -3.76 9.51
CA ALA A 208 -5.10 -4.20 10.25
C ALA A 208 -5.41 -4.20 11.75
N ILE A 209 -6.02 -3.12 12.22
CA ILE A 209 -6.31 -3.00 13.63
C ILE A 209 -7.33 -4.04 14.03
N ASN A 210 -8.48 -4.08 13.35
CA ASN A 210 -9.51 -5.01 13.79
C ASN A 210 -9.34 -6.40 13.24
N ASP A 211 -9.42 -6.60 11.93
CA ASP A 211 -9.35 -7.94 11.36
C ASP A 211 -8.05 -8.66 11.52
N MET A 212 -6.93 -7.93 11.51
CA MET A 212 -5.65 -8.64 11.57
C MET A 212 -5.17 -8.87 12.99
N ALA A 213 -5.05 -7.79 13.76
CA ALA A 213 -4.41 -7.84 15.07
C ALA A 213 -5.22 -7.91 16.35
N SER A 214 -6.52 -7.65 16.29
CA SER A 214 -7.33 -7.52 17.49
C SER A 214 -7.60 -8.78 18.28
N ASP A 215 -8.30 -8.61 19.40
CA ASP A 215 -8.60 -9.70 20.31
C ASP A 215 -9.98 -10.29 20.06
N ASP A 216 -10.69 -9.75 19.09
CA ASP A 216 -11.92 -10.37 18.60
C ASP A 216 -11.59 -11.75 18.05
N GLY A 217 -12.46 -12.73 18.26
CA GLY A 217 -12.31 -14.11 17.84
C GLY A 217 -12.24 -14.39 16.35
N ASP A 218 -12.63 -13.43 15.54
CA ASP A 218 -12.58 -13.45 14.09
C ASP A 218 -11.33 -12.80 13.52
N SER A 219 -10.42 -12.37 14.40
CA SER A 219 -9.22 -11.72 13.87
C SER A 219 -8.24 -12.83 13.47
N TRP A 220 -7.35 -12.48 12.54
CA TRP A 220 -6.34 -13.46 12.15
C TRP A 220 -5.48 -13.89 13.34
N LYS A 221 -5.09 -12.98 14.24
CA LYS A 221 -4.26 -13.48 15.34
C LYS A 221 -5.04 -14.35 16.33
N MET A 222 -6.31 -14.08 16.60
CA MET A 222 -7.06 -15.03 17.42
C MET A 222 -7.22 -16.37 16.69
N ARG A 223 -7.45 -16.34 15.38
CA ARG A 223 -7.59 -17.62 14.67
C ARG A 223 -6.28 -18.36 14.57
N PHE A 224 -5.13 -17.70 14.49
CA PHE A 224 -3.89 -18.47 14.55
C PHE A 224 -3.72 -19.10 15.93
N ASN A 225 -4.01 -18.30 16.96
CA ASN A 225 -3.90 -18.76 18.34
C ASN A 225 -4.81 -19.97 18.57
N ALA A 226 -6.07 -19.92 18.14
CA ALA A 226 -6.97 -21.07 18.37
C ALA A 226 -6.50 -22.33 17.66
N ALA A 227 -5.69 -22.19 16.61
CA ALA A 227 -5.10 -23.30 15.89
C ALA A 227 -3.78 -23.72 16.53
N GLY A 228 -3.46 -23.15 17.68
CA GLY A 228 -2.25 -23.45 18.40
C GLY A 228 -1.01 -22.85 17.78
N ILE A 229 -1.11 -21.77 17.02
CA ILE A 229 0.08 -21.13 16.43
C ILE A 229 0.08 -19.68 16.93
N PRO A 230 0.68 -19.42 18.07
CA PRO A 230 0.70 -18.09 18.65
C PRO A 230 1.08 -17.02 17.62
N ALA A 231 0.30 -15.96 17.60
CA ALA A 231 0.44 -14.88 16.64
C ALA A 231 0.75 -13.54 17.31
N THR A 232 1.76 -12.86 16.82
CA THR A 232 2.20 -11.56 17.33
C THR A 232 1.97 -10.52 16.22
N PRO A 233 1.02 -9.61 16.45
CA PRO A 233 0.70 -8.58 15.48
C PRO A 233 1.71 -7.43 15.51
N TRP A 234 2.02 -6.91 14.32
CA TRP A 234 2.98 -5.85 14.10
C TRP A 234 2.26 -4.82 13.24
N LEU A 235 1.62 -3.90 13.96
CA LEU A 235 0.79 -2.88 13.34
C LEU A 235 1.60 -1.77 12.73
N SER A 236 2.09 -1.84 11.54
CA SER A 236 2.86 -0.87 10.82
C SER A 236 2.44 -1.01 9.34
N GLY A 237 2.28 0.12 8.70
CA GLY A 237 1.92 0.11 7.28
C GLY A 237 3.21 -0.12 6.52
N LEU A 238 3.06 -0.43 5.24
CA LEU A 238 4.22 -0.63 4.39
C LEU A 238 4.93 0.69 4.17
N GLY A 239 4.29 1.82 4.44
CA GLY A 239 4.94 3.09 4.25
C GLY A 239 6.02 3.37 5.28
N GLU A 240 5.98 2.64 6.41
CA GLU A 240 6.99 2.76 7.44
C GLU A 240 8.29 2.08 7.06
N ASN A 241 8.32 1.27 6.03
CA ASN A 241 9.50 0.56 5.53
C ASN A 241 10.19 1.36 4.43
N PRO A 242 11.42 1.82 4.70
CA PRO A 242 12.14 2.66 3.77
C PRO A 242 12.41 2.04 2.41
N ALA A 243 12.46 0.72 2.31
CA ALA A 243 12.65 -0.01 1.07
C ALA A 243 11.38 0.08 0.21
N ILE A 244 10.24 0.22 0.87
CA ILE A 244 9.00 0.39 0.13
C ILE A 244 8.90 1.82 -0.34
N ARG A 245 9.23 2.77 0.54
CA ARG A 245 9.22 4.18 0.13
C ARG A 245 10.14 4.38 -1.06
N ALA A 246 11.26 3.67 -1.08
CA ALA A 246 12.19 3.75 -2.19
C ALA A 246 11.54 3.21 -3.46
N MET A 247 10.71 2.16 -3.42
CA MET A 247 10.05 1.69 -4.63
C MET A 247 9.12 2.75 -5.24
N PHE A 248 8.40 3.45 -4.36
CA PHE A 248 7.55 4.55 -4.82
C PHE A 248 8.36 5.61 -5.51
N VAL A 249 9.50 5.98 -4.92
CA VAL A 249 10.38 6.95 -5.55
C VAL A 249 10.85 6.46 -6.90
N ALA A 250 11.31 5.21 -6.99
CA ALA A 250 11.79 4.64 -8.25
C ALA A 250 10.71 4.69 -9.32
N HIS A 251 9.45 4.45 -8.95
CA HIS A 251 8.36 4.53 -9.89
C HIS A 251 8.07 5.93 -10.37
N LEU A 252 8.19 6.94 -9.50
CA LEU A 252 8.00 8.32 -9.88
C LEU A 252 9.07 8.70 -10.91
N HIS A 253 10.32 8.31 -10.61
CA HIS A 253 11.38 8.66 -11.56
C HIS A 253 11.33 7.80 -12.78
N GLN A 254 10.84 6.56 -12.76
CA GLN A 254 10.71 5.87 -14.05
C GLN A 254 9.74 6.62 -14.96
N ALA A 255 8.61 7.07 -14.38
CA ALA A 255 7.60 7.75 -15.18
C ALA A 255 8.16 9.07 -15.70
N LEU A 256 8.87 9.80 -14.84
CA LEU A 256 9.47 11.04 -15.34
C LEU A 256 10.47 10.77 -16.46
N ASN A 257 11.24 9.70 -16.38
CA ASN A 257 12.25 9.35 -17.36
C ASN A 257 11.68 8.71 -18.63
N MET A 258 10.49 8.12 -18.55
CA MET A 258 9.94 7.51 -19.77
C MET A 258 9.91 8.53 -20.90
S SO4 B . -8.08 -2.64 -7.08
O1 SO4 B . -7.49 -3.41 -5.98
O2 SO4 B . -9.53 -2.41 -6.80
O3 SO4 B . -7.46 -1.27 -7.19
O4 SO4 B . -8.02 -3.37 -8.38
S SO4 C . -10.84 -13.59 6.62
O1 SO4 C . -10.87 -15.10 6.56
O2 SO4 C . -10.86 -13.14 8.04
O3 SO4 C . -9.61 -13.16 5.91
O4 SO4 C . -12.06 -13.03 5.97
S SO4 D . -0.94 -10.05 21.84
O1 SO4 D . -1.63 -11.38 21.98
O2 SO4 D . -0.46 -9.59 23.18
O3 SO4 D . 0.25 -10.24 20.95
O4 SO4 D . -1.94 -9.09 21.29
#